data_6PUQ
#
_entry.id   6PUQ
#
_cell.length_a   28.298
_cell.length_b   73.087
_cell.length_c   42.518
_cell.angle_alpha   90.000
_cell.angle_beta   91.860
_cell.angle_gamma   90.000
#
_symmetry.space_group_name_H-M   'P 1 21 1'
#
loop_
_entity.id
_entity.type
_entity.pdbx_description
1 polymer 'Wybutosine biosynthesis protein Tyw1'
2 non-polymer 'FLAVIN MONONUCLEOTIDE'
3 non-polymer 'MAGNESIUM ION'
4 non-polymer DI(HYDROXYETHYL)ETHER
5 non-polymer 'ACETATE ION'
6 water water
#
_entity_poly.entity_id   1
_entity_poly.type   'polypeptide(L)'
_entity_poly.pdbx_seq_one_letter_code
;KKLAKPEKIASATSLKGSTPKAPKVFRKTEKTKHSNRKIACEASTKSSRKLTDISACSINIFYSTLGGSTQKFAEHVADR
IRSSLQTELVEILNLDYIDLDEYFSKGNSNTVYLVLLPSYAIESSIDYFLSALQTTIDDFRIVARPLEKLRGFAVLGFGD
FEQYAGDLFCYQAIAADQRLAKLGAQRIAPLGVVNVKLEKAQVYEAMEAWTDLFLQYAKEKA
;
_entity_poly.pdbx_strand_id   A
#
# COMPACT_ATOMS: atom_id res chain seq x y z
N ARG A 49 20.17 -13.70 4.24
N ARG A 49 19.24 -14.29 3.53
CA ARG A 49 19.22 -13.18 3.26
CA ARG A 49 18.30 -13.51 2.73
C ARG A 49 18.63 -11.84 3.70
C ARG A 49 18.05 -12.13 3.33
N LYS A 50 18.24 -11.05 2.70
N LYS A 50 18.14 -11.09 2.50
CA LYS A 50 17.80 -9.68 2.93
CA LYS A 50 17.82 -9.75 2.95
C LYS A 50 16.37 -9.62 3.45
C LYS A 50 16.38 -9.62 3.43
N LEU A 51 15.52 -10.59 3.09
CA LEU A 51 14.18 -10.62 3.66
C LEU A 51 14.22 -10.83 5.16
N THR A 52 15.08 -11.74 5.63
CA THR A 52 15.21 -11.94 7.07
C THR A 52 15.77 -10.70 7.76
N ASP A 53 16.56 -9.91 7.03
CA ASP A 53 17.11 -8.66 7.57
C ASP A 53 16.01 -7.65 7.87
N ILE A 54 14.88 -7.72 7.15
CA ILE A 54 13.77 -6.83 7.42
C ILE A 54 12.70 -7.51 8.27
N SER A 55 13.07 -8.61 8.94
CA SER A 55 12.19 -9.35 9.84
C SER A 55 10.86 -9.68 9.19
N ALA A 56 10.91 -10.10 7.93
CA ALA A 56 9.70 -10.42 7.18
C ALA A 56 9.82 -11.81 6.58
N CYS A 57 8.66 -12.44 6.37
CA CYS A 57 8.61 -13.71 5.66
C CYS A 57 8.26 -13.56 4.19
N SER A 58 7.61 -12.46 3.81
CA SER A 58 7.21 -12.23 2.42
C SER A 58 6.65 -10.81 2.35
N ILE A 59 6.41 -10.36 1.12
CA ILE A 59 5.92 -9.01 0.88
C ILE A 59 4.71 -9.12 -0.02
N ASN A 60 3.58 -8.55 0.41
CA ASN A 60 2.37 -8.46 -0.39
C ASN A 60 2.22 -7.03 -0.86
N ILE A 61 2.08 -6.84 -2.17
CA ILE A 61 1.86 -5.52 -2.76
C ILE A 61 0.44 -5.49 -3.27
N PHE A 62 -0.41 -4.76 -2.55
CA PHE A 62 -1.80 -4.56 -2.92
C PHE A 62 -1.93 -3.31 -3.76
N TYR A 63 -2.83 -3.36 -4.73
CA TYR A 63 -3.10 -2.15 -5.50
C TYR A 63 -4.55 -2.17 -5.95
N SER A 64 -5.04 -0.99 -6.29
CA SER A 64 -6.28 -0.83 -7.02
C SER A 64 -5.99 0.02 -8.24
N THR A 65 -6.81 -0.14 -9.29
CA THR A 65 -6.60 0.61 -10.52
C THR A 65 -7.91 0.70 -11.28
N LEU A 66 -8.16 1.89 -11.86
CA LEU A 66 -9.25 2.12 -12.80
C LEU A 66 -8.76 2.36 -14.22
N GLY A 67 -7.74 3.19 -14.39
CA GLY A 67 -7.15 3.43 -15.70
C GLY A 67 -5.97 2.55 -16.05
N GLY A 68 -5.50 1.72 -15.12
CA GLY A 68 -4.42 0.78 -15.37
C GLY A 68 -3.05 1.22 -14.89
N SER A 69 -2.83 2.51 -14.59
CA SER A 69 -1.46 2.94 -14.33
C SER A 69 -0.94 2.42 -13.00
N THR A 70 -1.76 2.43 -11.94
CA THR A 70 -1.26 1.93 -10.67
C THR A 70 -0.86 0.46 -10.75
N GLN A 71 -1.53 -0.32 -11.61
CA GLN A 71 -1.12 -1.69 -11.80
C GLN A 71 0.30 -1.77 -12.36
N LYS A 72 0.59 -0.95 -13.38
CA LYS A 72 1.94 -0.91 -13.91
C LYS A 72 2.93 -0.47 -12.83
N PHE A 73 2.58 0.54 -12.04
CA PHE A 73 3.50 1.00 -11.01
C PHE A 73 3.74 -0.08 -9.97
N ALA A 74 2.69 -0.82 -9.60
CA ALA A 74 2.85 -1.93 -8.65
C ALA A 74 3.78 -2.99 -9.20
N GLU A 75 3.65 -3.33 -10.49
CA GLU A 75 4.56 -4.31 -11.08
C GLU A 75 6.01 -3.81 -11.05
N HIS A 76 6.22 -2.51 -11.25
CA HIS A 76 7.57 -1.95 -11.25
C HIS A 76 8.17 -1.95 -9.85
N VAL A 77 7.37 -1.57 -8.85
CA VAL A 77 7.82 -1.60 -7.46
C VAL A 77 8.14 -3.03 -7.04
N ALA A 78 7.29 -3.97 -7.44
CA ALA A 78 7.52 -5.38 -7.12
C ALA A 78 8.84 -5.86 -7.69
N ASP A 79 9.12 -5.52 -8.95
N ASP A 79 9.12 -5.53 -8.95
CA ASP A 79 10.37 -5.96 -9.57
CA ASP A 79 10.37 -5.95 -9.57
C ASP A 79 11.58 -5.32 -8.89
C ASP A 79 11.56 -5.33 -8.88
N ARG A 80 11.46 -4.07 -8.46
CA ARG A 80 12.56 -3.43 -7.76
C ARG A 80 12.83 -4.12 -6.42
N ILE A 81 11.77 -4.49 -5.68
CA ILE A 81 11.93 -5.18 -4.40
C ILE A 81 12.48 -6.60 -4.59
N ARG A 82 12.02 -7.30 -5.62
CA ARG A 82 12.58 -8.61 -5.90
C ARG A 82 14.09 -8.54 -6.09
N SER A 83 14.56 -7.55 -6.87
CA SER A 83 16.00 -7.43 -7.12
C SER A 83 16.75 -7.02 -5.87
N SER A 84 16.27 -5.98 -5.19
CA SER A 84 17.00 -5.45 -4.04
C SER A 84 17.16 -6.51 -2.95
N LEU A 85 16.09 -7.24 -2.64
CA LEU A 85 16.13 -8.28 -1.63
C LEU A 85 16.47 -9.65 -2.21
N GLN A 86 16.67 -9.73 -3.53
CA GLN A 86 17.02 -10.98 -4.20
C GLN A 86 16.10 -12.11 -3.71
N THR A 87 14.80 -11.87 -3.86
CA THR A 87 13.77 -12.79 -3.40
C THR A 87 12.68 -12.89 -4.44
N GLU A 88 12.00 -14.04 -4.46
CA GLU A 88 10.81 -14.23 -5.24
C GLU A 88 9.55 -14.19 -4.38
N LEU A 89 9.70 -13.92 -3.09
CA LEU A 89 8.60 -13.92 -2.13
C LEU A 89 7.92 -12.55 -2.08
N VAL A 90 7.48 -12.11 -3.26
CA VAL A 90 6.78 -10.85 -3.44
C VAL A 90 5.55 -11.14 -4.28
N GLU A 91 4.36 -10.89 -3.72
CA GLU A 91 3.10 -11.11 -4.39
C GLU A 91 2.47 -9.76 -4.74
N ILE A 92 1.88 -9.67 -5.93
CA ILE A 92 1.09 -8.50 -6.32
C ILE A 92 -0.38 -8.91 -6.32
N LEU A 93 -1.22 -8.13 -5.63
CA LEU A 93 -2.61 -8.49 -5.42
C LEU A 93 -3.52 -7.32 -5.75
N ASN A 94 -4.51 -7.56 -6.62
CA ASN A 94 -5.48 -6.53 -6.98
C ASN A 94 -6.61 -6.54 -5.97
N LEU A 95 -6.79 -5.41 -5.28
CA LEU A 95 -7.74 -5.32 -4.19
C LEU A 95 -9.17 -5.57 -4.64
N ASP A 96 -9.45 -5.43 -5.93
CA ASP A 96 -10.80 -5.65 -6.41
C ASP A 96 -11.13 -7.12 -6.58
N TYR A 97 -10.14 -8.02 -6.56
CA TYR A 97 -10.38 -9.41 -6.92
C TYR A 97 -9.93 -10.40 -5.85
N ILE A 98 -9.55 -9.93 -4.67
CA ILE A 98 -9.19 -10.81 -3.58
C ILE A 98 -10.28 -10.74 -2.52
N ASP A 99 -10.29 -11.73 -1.63
CA ASP A 99 -11.17 -11.71 -0.47
C ASP A 99 -10.51 -10.84 0.59
N LEU A 100 -11.05 -9.63 0.78
CA LEU A 100 -10.41 -8.68 1.71
C LEU A 100 -10.41 -9.21 3.14
N ASP A 101 -11.39 -10.03 3.51
CA ASP A 101 -11.40 -10.60 4.86
C ASP A 101 -10.17 -11.46 5.09
N GLU A 102 -9.72 -12.18 4.06
CA GLU A 102 -8.58 -13.07 4.21
C GLU A 102 -7.28 -12.31 4.51
N TYR A 103 -7.20 -11.05 4.08
CA TYR A 103 -5.96 -10.29 4.23
C TYR A 103 -6.03 -9.16 5.24
N PHE A 104 -7.21 -8.59 5.50
CA PHE A 104 -7.28 -7.42 6.37
C PHE A 104 -8.06 -7.60 7.66
N SER A 105 -8.82 -8.70 7.84
CA SER A 105 -9.38 -9.01 9.14
C SER A 105 -8.58 -10.09 9.84
N LYS A 106 -7.54 -10.59 9.19
CA LYS A 106 -6.59 -11.53 9.74
CA LYS A 106 -6.59 -11.53 9.74
C LYS A 106 -5.32 -11.41 8.92
N GLY A 107 -4.19 -11.72 9.54
CA GLY A 107 -2.95 -11.50 8.83
C GLY A 107 -1.85 -12.50 9.12
N ASN A 108 -1.19 -12.97 8.07
CA ASN A 108 -0.10 -13.91 8.26
C ASN A 108 1.06 -13.24 8.96
N SER A 109 1.52 -13.85 10.04
CA SER A 109 2.60 -13.30 10.84
C SER A 109 3.80 -12.96 9.97
N ASN A 110 4.37 -11.79 10.24
CA ASN A 110 5.63 -11.32 9.67
C ASN A 110 5.56 -11.02 8.18
N THR A 111 4.36 -10.84 7.63
CA THR A 111 4.21 -10.36 6.25
C THR A 111 4.26 -8.83 6.22
N VAL A 112 4.90 -8.28 5.18
CA VAL A 112 4.84 -6.84 4.89
C VAL A 112 3.70 -6.58 3.92
N TYR A 113 2.87 -5.58 4.22
CA TYR A 113 1.84 -5.10 3.30
C TYR A 113 2.27 -3.76 2.72
N LEU A 114 2.47 -3.70 1.41
CA LEU A 114 2.59 -2.42 0.72
C LEU A 114 1.30 -2.17 -0.04
N VAL A 115 0.74 -0.98 0.12
CA VAL A 115 -0.53 -0.64 -0.50
C VAL A 115 -0.29 0.54 -1.44
N LEU A 116 -0.50 0.32 -2.74
CA LEU A 116 -0.35 1.36 -3.77
C LEU A 116 -1.74 1.72 -4.25
N LEU A 117 -2.13 2.98 -4.08
CA LEU A 117 -3.53 3.33 -4.27
CA LEU A 117 -3.54 3.34 -4.26
C LEU A 117 -3.67 4.68 -4.97
N PRO A 118 -4.40 4.75 -6.08
CA PRO A 118 -4.77 6.04 -6.64
C PRO A 118 -5.99 6.57 -5.89
N SER A 119 -6.28 7.85 -6.06
CA SER A 119 -7.48 8.42 -5.46
C SER A 119 -8.44 8.89 -6.54
N TYR A 120 -9.73 8.69 -6.31
CA TYR A 120 -10.77 9.14 -7.23
C TYR A 120 -11.83 9.90 -6.47
N ALA A 121 -12.12 11.12 -6.92
CA ALA A 121 -13.18 11.90 -6.30
C ALA A 121 -14.57 11.39 -6.65
N ILE A 122 -14.68 10.51 -7.64
CA ILE A 122 -15.93 9.89 -7.99
C ILE A 122 -16.05 8.55 -7.25
N GLU A 123 -17.26 7.99 -7.20
CA GLU A 123 -17.42 6.65 -6.66
C GLU A 123 -16.64 5.64 -7.47
N SER A 124 -16.01 4.70 -6.78
CA SER A 124 -15.17 3.71 -7.44
C SER A 124 -14.99 2.52 -6.50
N SER A 125 -14.31 1.49 -7.00
CA SER A 125 -14.01 0.31 -6.20
C SER A 125 -13.08 0.61 -5.03
N ILE A 126 -12.33 1.71 -5.10
CA ILE A 126 -11.49 2.09 -3.95
C ILE A 126 -12.35 2.40 -2.74
N ASP A 127 -13.55 2.97 -2.95
CA ASP A 127 -14.48 3.18 -1.86
C ASP A 127 -14.78 1.90 -1.11
N TYR A 128 -14.93 0.79 -1.84
CA TYR A 128 -15.23 -0.48 -1.18
C TYR A 128 -14.08 -0.94 -0.31
N PHE A 129 -12.84 -0.84 -0.82
CA PHE A 129 -11.68 -1.22 -0.04
C PHE A 129 -11.66 -0.45 1.28
N LEU A 130 -11.82 0.87 1.20
CA LEU A 130 -11.77 1.70 2.40
CA LEU A 130 -11.76 1.70 2.41
C LEU A 130 -12.92 1.40 3.35
N SER A 131 -14.12 1.19 2.80
CA SER A 131 -15.27 0.79 3.62
CA SER A 131 -15.26 0.80 3.62
C SER A 131 -15.02 -0.54 4.32
N ALA A 132 -14.38 -1.48 3.63
CA ALA A 132 -14.10 -2.79 4.22
C ALA A 132 -13.14 -2.68 5.40
N LEU A 133 -12.10 -1.85 5.27
CA LEU A 133 -11.19 -1.59 6.39
C LEU A 133 -11.96 -1.02 7.58
N GLN A 134 -12.81 -0.02 7.33
CA GLN A 134 -13.53 0.64 8.42
C GLN A 134 -14.51 -0.32 9.10
N THR A 135 -15.20 -1.13 8.31
CA THR A 135 -16.10 -2.15 8.86
C THR A 135 -15.35 -3.09 9.78
N THR A 136 -14.17 -3.53 9.37
CA THR A 136 -13.38 -4.40 10.22
C THR A 136 -12.96 -3.67 11.50
N ILE A 137 -12.65 -2.39 11.37
CA ILE A 137 -12.26 -1.60 12.55
C ILE A 137 -13.39 -1.55 13.56
N ASP A 138 -14.64 -1.42 13.11
CA ASP A 138 -15.73 -1.17 14.04
C ASP A 138 -16.47 -2.43 14.46
N ASP A 139 -16.26 -3.56 13.79
CA ASP A 139 -17.08 -4.76 13.96
C ASP A 139 -16.71 -5.47 15.27
N PHE A 140 -17.68 -5.56 16.20
N PHE A 140 -17.66 -5.54 16.21
CA PHE A 140 -17.38 -6.22 17.47
CA PHE A 140 -17.40 -6.20 17.48
C PHE A 140 -17.02 -7.69 17.27
C PHE A 140 -17.19 -7.71 17.34
N ARG A 141 -17.50 -8.30 16.18
CA ARG A 141 -17.23 -9.70 15.92
C ARG A 141 -15.76 -9.99 15.62
N ILE A 142 -14.97 -8.96 15.35
CA ILE A 142 -13.54 -9.10 15.08
C ILE A 142 -12.79 -8.47 16.23
N VAL A 143 -11.78 -9.17 16.74
CA VAL A 143 -11.00 -8.60 17.84
C VAL A 143 -10.28 -7.35 17.34
N ALA A 144 -9.95 -6.47 18.28
CA ALA A 144 -9.25 -5.25 17.92
C ALA A 144 -7.84 -5.57 17.47
N ARG A 145 -7.31 -4.72 16.60
CA ARG A 145 -5.95 -4.84 16.07
C ARG A 145 -5.62 -6.23 15.50
N PRO A 146 -6.42 -6.71 14.54
CA PRO A 146 -6.16 -8.05 13.99
C PRO A 146 -4.89 -8.13 13.18
N LEU A 147 -4.29 -7.01 12.79
CA LEU A 147 -3.09 -7.06 11.96
C LEU A 147 -1.82 -6.83 12.77
N GLU A 148 -1.86 -6.93 14.10
CA GLU A 148 -0.65 -6.66 14.87
C GLU A 148 0.43 -7.69 14.61
N LYS A 149 0.09 -8.87 14.04
CA LYS A 149 1.07 -9.92 13.76
C LYS A 149 1.87 -9.68 12.49
N LEU A 150 1.47 -8.72 11.66
CA LEU A 150 2.24 -8.42 10.45
C LEU A 150 3.59 -7.83 10.82
N ARG A 151 4.56 -7.98 9.91
CA ARG A 151 5.76 -7.16 10.02
C ARG A 151 5.38 -5.69 10.05
N GLY A 152 4.47 -5.29 9.16
CA GLY A 152 4.01 -3.91 9.14
C GLY A 152 3.47 -3.57 7.76
N PHE A 153 3.24 -2.27 7.54
CA PHE A 153 2.70 -1.80 6.28
C PHE A 153 3.34 -0.48 5.86
N ALA A 154 3.20 -0.15 4.58
CA ALA A 154 3.45 1.21 4.12
C ALA A 154 2.55 1.47 2.92
N VAL A 155 2.13 2.72 2.76
CA VAL A 155 1.22 3.14 1.69
C VAL A 155 1.94 4.11 0.76
N LEU A 156 1.74 3.93 -0.55
CA LEU A 156 2.17 4.88 -1.57
C LEU A 156 0.94 5.34 -2.34
N GLY A 157 0.66 6.63 -2.29
CA GLY A 157 -0.49 7.19 -2.97
C GLY A 157 -0.10 7.80 -4.30
N PHE A 158 -1.02 7.68 -5.27
CA PHE A 158 -0.91 8.36 -6.55
C PHE A 158 -2.11 9.28 -6.74
N GLY A 159 -1.87 10.49 -7.25
CA GLY A 159 -2.99 11.39 -7.47
C GLY A 159 -2.59 12.51 -8.40
N ASP A 160 -3.58 13.35 -8.73
CA ASP A 160 -3.42 14.47 -9.66
C ASP A 160 -3.38 15.75 -8.83
N PHE A 161 -2.17 16.25 -8.58
CA PHE A 161 -2.00 17.45 -7.78
C PHE A 161 -2.48 18.71 -8.49
N GLU A 162 -2.50 18.72 -9.83
CA GLU A 162 -2.98 19.90 -10.55
C GLU A 162 -4.49 20.08 -10.41
N GLN A 163 -5.26 19.01 -10.56
CA GLN A 163 -6.72 19.17 -10.50
C GLN A 163 -7.28 18.96 -9.10
N TYR A 164 -6.54 18.30 -8.21
CA TYR A 164 -7.08 17.92 -6.91
C TYR A 164 -6.18 18.36 -5.76
N ALA A 165 -5.40 19.42 -5.99
CA ALA A 165 -4.62 20.01 -4.91
C ALA A 165 -5.51 20.33 -3.73
N GLY A 166 -4.97 20.17 -2.53
CA GLY A 166 -5.76 20.41 -1.34
C GLY A 166 -6.26 19.14 -0.67
N ASP A 167 -7.51 19.16 -0.17
CA ASP A 167 -8.01 18.06 0.65
C ASP A 167 -8.12 16.76 -0.13
N LEU A 168 -8.37 16.84 -1.44
CA LEU A 168 -8.62 15.63 -2.21
C LEU A 168 -7.34 14.96 -2.72
N PHE A 169 -6.18 15.60 -2.61
CA PHE A 169 -4.96 15.02 -3.19
C PHE A 169 -4.57 13.76 -2.43
N CYS A 170 -4.62 12.62 -3.14
N CYS A 170 -4.55 12.62 -3.13
CA CYS A 170 -4.31 11.30 -2.60
CA CYS A 170 -4.20 11.33 -2.54
C CYS A 170 -5.07 11.04 -1.32
C CYS A 170 -5.08 11.00 -1.34
N TYR A 171 -6.31 11.53 -1.28
CA TYR A 171 -7.10 11.41 -0.06
C TYR A 171 -7.43 9.97 0.29
N GLN A 172 -7.59 9.08 -0.70
CA GLN A 172 -7.90 7.70 -0.35
C GLN A 172 -6.66 6.96 0.15
N ALA A 173 -5.47 7.32 -0.32
CA ALA A 173 -4.25 6.75 0.24
C ALA A 173 -4.03 7.24 1.67
N ILE A 174 -4.38 8.50 1.93
CA ILE A 174 -4.34 9.03 3.29
C ILE A 174 -5.26 8.21 4.20
N ALA A 175 -6.49 7.95 3.73
CA ALA A 175 -7.44 7.17 4.52
C ALA A 175 -6.94 5.75 4.76
N ALA A 176 -6.37 5.13 3.73
CA ALA A 176 -5.87 3.76 3.88
C ALA A 176 -4.74 3.70 4.89
N ASP A 177 -3.84 4.69 4.87
CA ASP A 177 -2.75 4.76 5.83
C ASP A 177 -3.28 4.87 7.27
N GLN A 178 -4.31 5.69 7.47
CA GLN A 178 -4.89 5.83 8.81
C GLN A 178 -5.54 4.52 9.26
N ARG A 179 -6.24 3.85 8.34
CA ARG A 179 -7.05 2.69 8.75
C ARG A 179 -6.20 1.45 8.99
N LEU A 180 -5.15 1.24 8.19
CA LEU A 180 -4.25 0.12 8.42
C LEU A 180 -3.58 0.21 9.79
N ALA A 181 -3.18 1.42 10.20
CA ALA A 181 -2.62 1.59 11.54
C ALA A 181 -3.65 1.24 12.61
N LYS A 182 -4.90 1.65 12.40
CA LYS A 182 -5.93 1.34 13.38
CA LYS A 182 -5.94 1.35 13.38
C LYS A 182 -6.21 -0.15 13.45
N LEU A 183 -5.97 -0.88 12.37
CA LEU A 183 -6.09 -2.33 12.40
C LEU A 183 -4.91 -3.00 13.09
N GLY A 184 -3.96 -2.23 13.62
CA GLY A 184 -2.88 -2.81 14.37
C GLY A 184 -1.61 -3.07 13.59
N ALA A 185 -1.58 -2.82 12.29
CA ALA A 185 -0.36 -3.05 11.55
C ALA A 185 0.63 -1.93 11.86
N GLN A 186 1.88 -2.31 12.14
CA GLN A 186 2.91 -1.31 12.41
CA GLN A 186 2.92 -1.32 12.41
C GLN A 186 3.21 -0.52 11.14
N ARG A 187 3.18 0.82 11.24
CA ARG A 187 3.54 1.63 10.09
C ARG A 187 5.06 1.61 9.93
N ILE A 188 5.54 1.01 8.84
CA ILE A 188 6.98 0.87 8.67
C ILE A 188 7.59 2.16 8.15
N ALA A 189 6.90 2.84 7.25
CA ALA A 189 7.40 4.07 6.65
C ALA A 189 6.26 5.06 6.49
N PRO A 190 6.56 6.37 6.53
CA PRO A 190 5.49 7.34 6.37
C PRO A 190 4.90 7.26 4.97
N LEU A 191 3.62 7.61 4.90
CA LEU A 191 2.89 7.65 3.63
C LEU A 191 3.67 8.41 2.57
N GLY A 192 3.75 7.82 1.38
CA GLY A 192 4.30 8.49 0.22
C GLY A 192 3.18 8.97 -0.69
N VAL A 193 3.41 10.09 -1.38
CA VAL A 193 2.43 10.61 -2.33
C VAL A 193 3.15 11.01 -3.61
N VAL A 194 2.58 10.64 -4.76
CA VAL A 194 3.18 10.92 -6.05
C VAL A 194 2.18 11.66 -6.93
N ASN A 195 2.60 12.81 -7.45
CA ASN A 195 1.79 13.61 -8.38
CA ASN A 195 1.76 13.58 -8.38
C ASN A 195 2.01 13.06 -9.78
N VAL A 196 1.00 12.39 -10.34
CA VAL A 196 1.20 11.73 -11.62
C VAL A 196 1.15 12.74 -12.75
N LYS A 197 0.93 14.02 -12.43
CA LYS A 197 0.98 15.08 -13.44
C LYS A 197 2.39 15.56 -13.70
N LEU A 198 3.36 15.14 -12.89
CA LEU A 198 4.76 15.31 -13.21
C LEU A 198 5.08 14.61 -14.53
N GLU A 199 6.27 14.86 -15.05
CA GLU A 199 6.73 14.09 -16.19
CA GLU A 199 6.71 14.08 -16.20
C GLU A 199 6.97 12.64 -15.76
N LYS A 200 6.65 11.69 -16.65
CA LYS A 200 6.69 10.28 -16.28
CA LYS A 200 6.69 10.28 -16.28
C LYS A 200 8.04 9.87 -15.71
N ALA A 201 9.12 10.48 -16.19
CA ALA A 201 10.42 10.18 -15.60
C ALA A 201 10.45 10.55 -14.12
N GLN A 202 9.82 11.67 -13.76
CA GLN A 202 9.80 12.08 -12.36
C GLN A 202 8.89 11.18 -11.53
N VAL A 203 7.80 10.69 -12.13
CA VAL A 203 6.90 9.78 -11.43
CA VAL A 203 6.89 9.78 -11.43
C VAL A 203 7.64 8.50 -11.05
N TYR A 204 8.42 7.96 -11.97
CA TYR A 204 9.17 6.74 -11.69
C TYR A 204 10.28 6.98 -10.68
N GLU A 205 11.02 8.09 -10.75
CA GLU A 205 12.02 8.27 -9.68
C GLU A 205 11.35 8.49 -8.33
N ALA A 206 10.17 9.11 -8.30
CA ALA A 206 9.48 9.28 -7.03
C ALA A 206 9.12 7.93 -6.41
N MET A 207 8.60 7.00 -7.22
N MET A 207 8.62 7.00 -7.22
CA MET A 207 8.23 5.71 -6.66
CA MET A 207 8.23 5.71 -6.65
C MET A 207 9.46 4.86 -6.34
C MET A 207 9.44 4.82 -6.38
N GLU A 208 10.52 4.97 -7.16
CA GLU A 208 11.74 4.23 -6.86
C GLU A 208 12.42 4.77 -5.60
N ALA A 209 12.41 6.10 -5.41
CA ALA A 209 12.90 6.68 -4.17
C ALA A 209 12.11 6.18 -2.98
N TRP A 210 10.78 6.14 -3.10
CA TRP A 210 9.95 5.67 -1.99
C TRP A 210 10.23 4.22 -1.68
N THR A 211 10.42 3.39 -2.73
CA THR A 211 10.72 1.98 -2.52
C THR A 211 12.03 1.80 -1.78
N ASP A 212 13.08 2.52 -2.20
CA ASP A 212 14.37 2.42 -1.52
C ASP A 212 14.28 2.92 -0.09
N LEU A 213 13.53 4.00 0.13
CA LEU A 213 13.34 4.49 1.49
C LEU A 213 12.60 3.47 2.36
N PHE A 214 11.59 2.80 1.79
CA PHE A 214 10.89 1.78 2.55
C PHE A 214 11.83 0.68 3.00
N LEU A 215 12.68 0.21 2.08
CA LEU A 215 13.58 -0.89 2.43
C LEU A 215 14.55 -0.48 3.53
N GLN A 216 14.94 0.79 3.57
CA GLN A 216 15.83 1.24 4.65
C GLN A 216 15.10 1.33 5.98
N TYR A 217 13.88 1.88 5.98
CA TYR A 217 13.04 1.84 7.20
C TYR A 217 12.81 0.40 7.66
N ALA A 218 12.62 -0.52 6.71
CA ALA A 218 12.29 -1.90 7.07
C ALA A 218 13.45 -2.59 7.79
N LYS A 219 14.68 -2.15 7.54
CA LYS A 219 15.84 -2.67 8.27
C LYS A 219 15.80 -2.22 9.72
#